data_4OOG
#
_entry.id   4OOG
#
_cell.length_a   157.972
_cell.length_b   183.804
_cell.length_c   61.289
_cell.angle_alpha   90.000
_cell.angle_beta   90.000
_cell.angle_gamma   90.000
#
_symmetry.space_group_name_H-M   'C 2 2 21'
#
loop_
_entity.id
_entity.type
_entity.pdbx_description
1 polymer 'Ribonuclease 3'
2 polymer 'Ribonuclease 3'
3 polymer '34-mer RNA'
4 non-polymer 'MAGNESIUM ION'
5 water water
#
loop_
_entity_poly.entity_id
_entity_poly.type
_entity_poly.pdbx_seq_one_letter_code
_entity_poly.pdbx_strand_id
1 'polypeptide(L)'
;SNYKYLEVIQLEHAVTKLVESYNKIIELSPNLVAYNEAVNNQDRVPVQILPSLSRYQLKLAAELKTLHDLKKDAILTEIT
DYENEFDTEQKQPILQEISKADMEKLEKLE
;
A,B
2 'polypeptide(L)'
;KWPPKLPEIQDLAIRARVFIHKSTIKDKVYLSGSEMINAHNERLEFLGDSILNSVMTLIIYNKFPDYSEGQLSTLRMNLV
SNEQIKQWSIMYNFHEKLKTNFDLKDENSNFQNGKLKLYADVFEAYIGGLMEDDPRNNLPKIRKWLRKLAKPVIEEATRN
QVALEKTDKLDMNAKRQLYSLIGYASLRLHYVTVKKPTAVDPNSIVECRVGDGTVLGTGVGRNIKIAGIRAAENALRDKK
MLDFYAKQRAAIPRSESVLKD
;
C
3 'polyribonucleotide' CAUGUCAUGUCAUGAGUCCAUGGCAUGGCAUGGC D
#
# COMPACT_ATOMS: atom_id res chain seq x y z
N ASN A 2 12.92 9.22 -30.48
CA ASN A 2 12.64 7.78 -30.48
C ASN A 2 13.77 6.99 -29.84
N TYR A 3 13.41 6.05 -28.97
CA TYR A 3 14.38 5.25 -28.20
C TYR A 3 15.32 6.13 -27.37
N LYS A 4 14.80 6.73 -26.32
CA LYS A 4 15.63 7.53 -25.43
C LYS A 4 16.63 6.66 -24.70
N TYR A 5 17.75 7.27 -24.31
CA TYR A 5 18.79 6.56 -23.57
C TYR A 5 18.27 6.07 -22.22
N LEU A 6 17.47 6.91 -21.57
CA LEU A 6 16.86 6.59 -20.28
C LEU A 6 15.96 5.36 -20.36
N GLU A 7 15.28 5.18 -21.48
CA GLU A 7 14.39 4.05 -21.69
C GLU A 7 15.21 2.78 -21.90
N VAL A 8 16.39 2.96 -22.48
CA VAL A 8 17.21 1.84 -22.94
C VAL A 8 17.93 1.14 -21.79
N ILE A 9 18.43 1.91 -20.82
CA ILE A 9 19.11 1.34 -19.68
C ILE A 9 18.13 0.61 -18.75
N GLN A 10 16.87 1.03 -18.78
CA GLN A 10 15.83 0.37 -18.00
C GLN A 10 15.38 -0.92 -18.65
N LEU A 11 15.33 -0.92 -19.98
CA LEU A 11 14.89 -2.07 -20.74
C LEU A 11 15.88 -3.22 -20.66
N GLU A 12 17.17 -2.88 -20.69
CA GLU A 12 18.21 -3.90 -20.57
C GLU A 12 18.21 -4.52 -19.17
N HIS A 13 17.95 -3.69 -18.15
CA HIS A 13 17.89 -4.19 -16.78
C HIS A 13 16.62 -5.00 -16.53
N ALA A 14 15.53 -4.60 -17.16
CA ALA A 14 14.25 -5.28 -16.97
C ALA A 14 14.26 -6.66 -17.60
N VAL A 15 14.79 -6.75 -18.82
CA VAL A 15 14.87 -8.01 -19.54
C VAL A 15 15.81 -8.98 -18.81
N THR A 16 16.96 -8.46 -18.40
CA THR A 16 17.91 -9.23 -17.59
C THR A 16 17.25 -9.79 -16.34
N LYS A 17 16.65 -8.92 -15.54
CA LYS A 17 15.98 -9.33 -14.30
C LYS A 17 14.81 -10.27 -14.56
N LEU A 18 14.17 -10.11 -15.70
CA LEU A 18 13.07 -10.97 -16.09
C LEU A 18 13.55 -12.42 -16.21
N VAL A 19 14.66 -12.61 -16.91
CA VAL A 19 15.20 -13.95 -17.14
C VAL A 19 15.73 -14.60 -15.87
N GLU A 20 16.52 -13.85 -15.11
CA GLU A 20 17.04 -14.32 -13.83
C GLU A 20 15.91 -14.74 -12.89
N SER A 21 14.82 -13.98 -12.92
CA SER A 21 13.69 -14.25 -12.04
C SER A 21 13.05 -15.60 -12.33
N TYR A 22 12.86 -15.91 -13.62
CA TYR A 22 12.24 -17.18 -13.98
C TYR A 22 13.15 -18.36 -13.65
N ASN A 23 14.45 -18.18 -13.88
CA ASN A 23 15.43 -19.22 -13.56
C ASN A 23 15.43 -19.54 -12.07
N LYS A 24 15.38 -18.51 -11.25
CA LYS A 24 15.37 -18.67 -9.80
C LYS A 24 14.09 -19.36 -9.33
N ILE A 25 12.97 -19.01 -9.95
CA ILE A 25 11.69 -19.63 -9.62
C ILE A 25 11.71 -21.12 -9.96
N ILE A 26 12.04 -21.43 -11.20
CA ILE A 26 12.10 -22.81 -11.68
C ILE A 26 13.03 -23.66 -10.82
N GLU A 27 14.15 -23.07 -10.44
CA GLU A 27 15.11 -23.72 -9.57
C GLU A 27 14.56 -23.95 -8.15
N LEU A 28 14.07 -22.88 -7.53
CA LEU A 28 13.67 -22.94 -6.12
C LEU A 28 12.29 -23.54 -5.86
N SER A 29 11.31 -23.17 -6.68
CA SER A 29 9.94 -23.59 -6.44
C SER A 29 9.71 -25.06 -6.74
N PRO A 30 8.93 -25.73 -5.88
CA PRO A 30 8.38 -27.05 -6.22
C PRO A 30 7.09 -26.86 -7.01
N ASN A 31 6.46 -27.95 -7.42
CA ASN A 31 5.23 -27.85 -8.20
C ASN A 31 4.00 -27.71 -7.31
N LEU A 32 2.81 -27.76 -7.92
CA LEU A 32 1.57 -27.59 -7.18
C LEU A 32 1.31 -28.72 -6.20
N VAL A 33 1.82 -29.91 -6.50
CA VAL A 33 1.66 -31.07 -5.62
C VAL A 33 2.17 -30.75 -4.23
N ALA A 34 3.34 -30.12 -4.15
CA ALA A 34 3.92 -29.71 -2.88
C ALA A 34 3.13 -28.54 -2.29
N TYR A 35 2.79 -27.57 -3.13
CA TYR A 35 2.04 -26.39 -2.68
C TYR A 35 0.64 -26.78 -2.21
N ASN A 36 0.03 -27.73 -2.89
CA ASN A 36 -1.30 -28.21 -2.50
C ASN A 36 -1.22 -29.08 -1.25
N GLU A 37 -0.09 -29.73 -1.05
CA GLU A 37 0.14 -30.50 0.17
C GLU A 37 0.14 -29.57 1.37
N ALA A 38 0.88 -28.47 1.24
CA ALA A 38 1.00 -27.50 2.32
C ALA A 38 -0.32 -26.80 2.61
N VAL A 39 -0.95 -26.28 1.56
CA VAL A 39 -2.15 -25.46 1.71
C VAL A 39 -3.36 -26.24 2.24
N ASN A 40 -3.40 -27.55 1.99
CA ASN A 40 -4.53 -28.37 2.41
C ASN A 40 -4.53 -28.60 3.91
N ASN A 41 -3.56 -29.35 4.40
CA ASN A 41 -3.38 -29.45 5.84
C ASN A 41 -2.21 -28.58 6.27
N GLN A 42 -2.51 -27.45 6.91
CA GLN A 42 -1.42 -26.66 7.45
C GLN A 42 -1.39 -26.91 8.95
N ASP A 43 -0.52 -27.84 9.33
CA ASP A 43 -0.23 -28.17 10.71
C ASP A 43 1.26 -28.37 10.77
N ARG A 44 1.68 -29.41 10.04
CA ARG A 44 3.08 -29.80 9.88
C ARG A 44 3.89 -28.64 9.30
N VAL A 45 3.25 -27.81 8.49
CA VAL A 45 3.95 -26.69 7.86
C VAL A 45 4.42 -25.67 8.91
N PRO A 46 5.70 -25.27 8.84
CA PRO A 46 6.30 -24.32 9.79
C PRO A 46 5.52 -23.02 9.90
N VAL A 47 5.56 -22.43 11.08
CA VAL A 47 4.78 -21.23 11.40
C VAL A 47 5.23 -20.02 10.58
N GLN A 48 6.52 -19.96 10.26
CA GLN A 48 7.07 -18.80 9.58
C GLN A 48 6.57 -18.66 8.14
N ILE A 49 6.27 -19.78 7.50
CA ILE A 49 5.88 -19.75 6.10
C ILE A 49 4.37 -19.56 5.90
N LEU A 50 3.61 -19.67 6.98
CA LEU A 50 2.16 -19.55 6.93
C LEU A 50 1.59 -18.30 6.23
N PRO A 51 2.12 -17.10 6.57
CA PRO A 51 1.60 -15.92 5.87
C PRO A 51 1.85 -15.94 4.36
N SER A 52 2.87 -16.66 3.92
CA SER A 52 3.18 -16.76 2.49
C SER A 52 2.06 -17.46 1.73
N LEU A 53 1.43 -18.43 2.40
CA LEU A 53 0.35 -19.20 1.80
C LEU A 53 -0.91 -18.36 1.59
N SER A 54 -0.95 -17.20 2.24
CA SER A 54 -2.07 -16.28 2.07
C SER A 54 -1.74 -15.23 1.02
N ARG A 55 -0.57 -15.36 0.39
CA ARG A 55 -0.17 -14.45 -0.68
C ARG A 55 0.01 -15.20 -1.99
N TYR A 56 -0.14 -14.47 -3.09
CA TYR A 56 -0.20 -15.06 -4.42
C TYR A 56 1.13 -15.64 -4.90
N GLN A 57 2.23 -15.03 -4.46
CA GLN A 57 3.55 -15.34 -5.00
C GLN A 57 3.92 -16.84 -4.97
N LEU A 58 3.70 -17.48 -3.83
CA LEU A 58 4.07 -18.89 -3.69
C LEU A 58 3.29 -19.82 -4.62
N LYS A 59 2.02 -19.52 -4.82
CA LYS A 59 1.19 -20.36 -5.67
C LYS A 59 1.60 -20.21 -7.13
N LEU A 60 1.75 -18.96 -7.57
CA LEU A 60 2.17 -18.65 -8.93
C LEU A 60 3.53 -19.28 -9.23
N ALA A 61 4.42 -19.27 -8.25
CA ALA A 61 5.73 -19.89 -8.39
C ALA A 61 5.56 -21.39 -8.61
N ALA A 62 4.67 -21.99 -7.83
CA ALA A 62 4.42 -23.42 -7.91
C ALA A 62 3.83 -23.82 -9.26
N GLU A 63 2.93 -22.99 -9.76
CA GLU A 63 2.25 -23.28 -11.03
C GLU A 63 3.19 -23.15 -12.22
N LEU A 64 4.14 -22.21 -12.14
CA LEU A 64 5.12 -22.03 -13.20
C LEU A 64 6.11 -23.18 -13.22
N LYS A 65 6.46 -23.68 -12.04
CA LYS A 65 7.32 -24.86 -11.94
C LYS A 65 6.54 -26.07 -12.41
N THR A 66 5.23 -26.03 -12.23
CA THR A 66 4.36 -27.10 -12.67
C THR A 66 4.33 -27.12 -14.20
N LEU A 67 4.16 -25.95 -14.80
CA LEU A 67 4.18 -25.82 -16.26
C LEU A 67 5.53 -26.26 -16.81
N HIS A 68 6.58 -26.11 -16.00
CA HIS A 68 7.92 -26.52 -16.41
C HIS A 68 8.15 -28.01 -16.27
N ASP A 69 7.57 -28.62 -15.24
CA ASP A 69 7.68 -30.08 -15.07
C ASP A 69 7.04 -30.78 -16.26
N LEU A 70 6.04 -30.13 -16.84
CA LEU A 70 5.39 -30.59 -18.06
C LEU A 70 6.02 -29.87 -19.24
N LYS A 71 5.44 -30.05 -20.41
CA LYS A 71 5.73 -29.18 -21.55
C LYS A 71 4.88 -27.93 -21.39
N LYS A 72 4.80 -27.12 -22.43
CA LYS A 72 4.03 -25.87 -22.40
C LYS A 72 4.60 -24.87 -21.39
N ASP A 73 5.91 -24.67 -21.47
CA ASP A 73 6.51 -23.46 -20.93
C ASP A 73 6.22 -22.38 -21.95
N ALA A 74 6.16 -22.82 -23.21
CA ALA A 74 5.85 -21.96 -24.35
C ALA A 74 6.80 -20.77 -24.43
N ILE A 75 6.22 -19.57 -24.28
CA ILE A 75 6.97 -18.32 -24.35
C ILE A 75 8.15 -18.32 -23.37
N LEU A 76 7.94 -18.87 -22.19
CA LEU A 76 8.92 -18.82 -21.10
C LEU A 76 10.27 -19.46 -21.43
N THR A 77 10.26 -20.57 -22.15
CA THR A 77 11.50 -21.26 -22.51
C THR A 77 12.28 -20.46 -23.54
N GLU A 78 11.58 -19.98 -24.57
CA GLU A 78 12.20 -19.21 -25.64
C GLU A 78 12.86 -17.94 -25.12
N ILE A 79 12.35 -17.42 -24.02
CA ILE A 79 12.87 -16.20 -23.40
C ILE A 79 14.23 -16.43 -22.75
N THR A 80 14.37 -17.56 -22.05
CA THR A 80 15.65 -17.87 -21.40
C THR A 80 16.72 -18.16 -22.45
N ASP A 81 16.36 -18.98 -23.44
CA ASP A 81 17.29 -19.37 -24.49
C ASP A 81 17.59 -18.23 -25.44
N TYR A 82 16.77 -17.18 -25.37
CA TYR A 82 16.86 -16.05 -26.30
C TYR A 82 18.25 -15.45 -26.42
N GLU A 83 18.92 -15.25 -25.28
CA GLU A 83 20.23 -14.61 -25.25
C GLU A 83 21.24 -15.33 -26.16
N ASN A 84 21.17 -16.65 -26.19
CA ASN A 84 22.08 -17.46 -27.00
C ASN A 84 21.72 -17.49 -28.48
N GLU A 85 20.43 -17.45 -28.77
CA GLU A 85 19.93 -17.51 -30.15
C GLU A 85 20.11 -16.18 -30.90
N PHE A 86 20.11 -15.08 -30.16
CA PHE A 86 20.19 -13.75 -30.75
C PHE A 86 21.49 -13.52 -31.51
N ASP A 87 21.37 -12.91 -32.69
CA ASP A 87 22.52 -12.53 -33.47
C ASP A 87 22.29 -11.16 -34.09
N THR A 88 23.36 -10.37 -34.20
CA THR A 88 23.27 -8.99 -34.68
C THR A 88 22.71 -8.88 -36.09
N GLU A 89 23.34 -9.56 -37.05
CA GLU A 89 22.97 -9.41 -38.45
C GLU A 89 21.74 -10.23 -38.86
N GLN A 90 21.28 -11.10 -37.98
CA GLN A 90 20.07 -11.86 -38.27
C GLN A 90 18.86 -11.02 -37.86
N LYS A 91 18.04 -10.65 -38.84
CA LYS A 91 16.93 -9.72 -38.63
C LYS A 91 15.62 -10.45 -38.34
N GLN A 92 15.68 -11.77 -38.26
CA GLN A 92 14.52 -12.58 -37.96
C GLN A 92 14.07 -12.36 -36.51
N PRO A 93 12.75 -12.38 -36.27
CA PRO A 93 12.17 -12.20 -34.93
C PRO A 93 12.48 -13.35 -33.97
N ILE A 94 12.71 -14.54 -34.51
CA ILE A 94 13.09 -15.74 -33.72
C ILE A 94 12.02 -16.28 -32.75
N LEU A 95 10.90 -15.59 -32.60
CA LEU A 95 9.81 -16.06 -31.74
C LEU A 95 8.69 -16.81 -32.47
N GLN A 96 7.64 -17.14 -31.74
CA GLN A 96 6.54 -17.97 -32.24
C GLN A 96 5.49 -17.14 -32.98
N GLU A 97 5.70 -15.84 -33.05
CA GLU A 97 4.72 -14.95 -33.70
C GLU A 97 4.73 -15.05 -35.22
N ILE A 98 3.55 -14.88 -35.83
CA ILE A 98 3.40 -14.97 -37.28
C ILE A 98 4.07 -13.80 -38.01
N SER A 99 4.87 -14.14 -39.02
CA SER A 99 5.61 -13.13 -39.77
C SER A 99 4.69 -12.20 -40.56
N LYS A 100 3.48 -12.66 -40.83
CA LYS A 100 2.51 -11.85 -41.56
C LYS A 100 1.97 -10.72 -40.70
N ALA A 101 1.90 -10.97 -39.39
CA ALA A 101 1.42 -9.96 -38.45
C ALA A 101 2.44 -8.84 -38.30
N ASP A 102 3.68 -9.12 -38.66
CA ASP A 102 4.73 -8.11 -38.63
C ASP A 102 4.52 -7.14 -39.79
N MET A 103 3.99 -7.66 -40.88
CA MET A 103 3.73 -6.86 -42.07
C MET A 103 2.66 -5.81 -41.81
N GLU A 104 1.56 -6.23 -41.19
CA GLU A 104 0.43 -5.33 -40.95
C GLU A 104 0.75 -4.22 -39.93
N LYS A 105 1.56 -4.56 -38.94
CA LYS A 105 1.94 -3.58 -37.92
C LYS A 105 2.85 -2.50 -38.52
N LEU A 106 3.64 -2.90 -39.51
CA LEU A 106 4.50 -1.97 -40.23
C LEU A 106 3.64 -0.93 -40.91
N GLU A 107 2.61 -1.39 -41.60
CA GLU A 107 1.70 -0.53 -42.35
C GLU A 107 0.90 0.38 -41.41
N LYS A 108 0.50 -0.18 -40.27
CA LYS A 108 -0.33 0.54 -39.30
C LYS A 108 0.35 1.79 -38.76
N LEU A 109 1.67 1.69 -38.52
CA LEU A 109 2.38 2.75 -37.82
C LEU A 109 2.91 3.83 -38.76
N GLU A 110 2.57 3.72 -40.05
CA GLU A 110 2.97 4.72 -41.03
C GLU A 110 2.13 5.99 -40.88
N SER B 1 12.82 -31.75 5.52
CA SER B 1 11.45 -31.37 5.19
C SER B 1 11.38 -30.65 3.85
N ASN B 2 10.22 -30.07 3.55
CA ASN B 2 10.01 -29.35 2.30
C ASN B 2 9.69 -27.88 2.59
N TYR B 3 9.95 -27.02 1.60
CA TYR B 3 9.64 -25.59 1.71
C TYR B 3 10.37 -24.91 2.87
N LYS B 4 11.68 -24.73 2.72
CA LYS B 4 12.47 -24.00 3.71
C LYS B 4 12.04 -22.54 3.70
N TYR B 5 12.14 -21.88 4.85
CA TYR B 5 11.68 -20.50 4.98
C TYR B 5 12.53 -19.51 4.19
N LEU B 6 13.85 -19.68 4.24
CA LEU B 6 14.76 -18.78 3.53
C LEU B 6 14.53 -18.86 2.02
N GLU B 7 14.16 -20.04 1.54
CA GLU B 7 13.90 -20.23 0.11
C GLU B 7 12.59 -19.59 -0.29
N VAL B 8 11.63 -19.59 0.63
CA VAL B 8 10.33 -18.97 0.38
C VAL B 8 10.48 -17.49 0.07
N ILE B 9 11.30 -16.81 0.85
CA ILE B 9 11.53 -15.38 0.66
C ILE B 9 12.18 -15.09 -0.70
N GLN B 10 13.19 -15.87 -1.05
CA GLN B 10 13.86 -15.74 -2.33
C GLN B 10 12.87 -15.93 -3.47
N LEU B 11 12.01 -16.94 -3.32
CA LEU B 11 10.97 -17.23 -4.28
C LEU B 11 9.99 -16.07 -4.44
N GLU B 12 9.44 -15.63 -3.31
CA GLU B 12 8.45 -14.56 -3.31
C GLU B 12 9.02 -13.29 -3.94
N HIS B 13 10.28 -13.01 -3.65
CA HIS B 13 10.96 -11.86 -4.22
C HIS B 13 11.15 -12.06 -5.73
N ALA B 14 11.58 -13.25 -6.11
CA ALA B 14 11.81 -13.58 -7.51
C ALA B 14 10.53 -13.44 -8.35
N VAL B 15 9.44 -13.99 -7.84
CA VAL B 15 8.14 -13.90 -8.51
C VAL B 15 7.72 -12.43 -8.67
N THR B 16 7.96 -11.65 -7.63
CA THR B 16 7.62 -10.24 -7.64
C THR B 16 8.46 -9.47 -8.66
N LYS B 17 9.77 -9.76 -8.70
CA LYS B 17 10.66 -9.15 -9.68
C LYS B 17 10.29 -9.56 -11.10
N LEU B 18 9.86 -10.81 -11.25
CA LEU B 18 9.43 -11.34 -12.55
C LEU B 18 8.27 -10.52 -13.12
N VAL B 19 7.25 -10.33 -12.29
CA VAL B 19 6.06 -9.59 -12.70
C VAL B 19 6.38 -8.11 -12.96
N GLU B 20 7.11 -7.50 -12.04
CA GLU B 20 7.50 -6.10 -12.18
C GLU B 20 8.37 -5.89 -13.43
N SER B 21 9.17 -6.90 -13.77
CA SER B 21 10.05 -6.80 -14.93
C SER B 21 9.25 -6.79 -16.22
N TYR B 22 8.32 -7.73 -16.35
CA TYR B 22 7.48 -7.81 -17.55
C TYR B 22 6.64 -6.56 -17.75
N ASN B 23 6.11 -5.99 -16.67
CA ASN B 23 5.28 -4.80 -16.78
C ASN B 23 6.09 -3.62 -17.31
N LYS B 24 7.32 -3.48 -16.83
CA LYS B 24 8.15 -2.36 -17.23
C LYS B 24 8.60 -2.52 -18.68
N ILE B 25 8.70 -3.76 -19.13
CA ILE B 25 8.99 -4.04 -20.54
C ILE B 25 7.87 -3.50 -21.42
N ILE B 26 6.65 -3.96 -21.15
CA ILE B 26 5.48 -3.55 -21.90
C ILE B 26 5.32 -2.03 -21.91
N GLU B 27 5.54 -1.42 -20.75
CA GLU B 27 5.42 0.02 -20.61
C GLU B 27 6.43 0.77 -21.49
N LEU B 28 7.71 0.48 -21.29
CA LEU B 28 8.78 1.24 -21.95
C LEU B 28 9.10 0.83 -23.38
N SER B 29 8.95 -0.44 -23.70
CA SER B 29 9.38 -0.94 -25.01
C SER B 29 8.39 -0.64 -26.14
N PRO B 30 8.92 -0.19 -27.29
CA PRO B 30 8.13 -0.11 -28.52
C PRO B 30 8.13 -1.47 -29.21
N ASN B 31 7.42 -1.58 -30.33
CA ASN B 31 7.32 -2.86 -31.03
C ASN B 31 8.50 -3.14 -31.97
N LEU B 32 8.47 -4.30 -32.62
CA LEU B 32 9.57 -4.72 -33.49
C LEU B 32 9.79 -3.78 -34.67
N VAL B 33 8.74 -3.08 -35.07
CA VAL B 33 8.82 -2.11 -36.16
C VAL B 33 9.78 -0.98 -35.79
N ALA B 34 9.55 -0.38 -34.62
CA ALA B 34 10.39 0.71 -34.13
C ALA B 34 11.82 0.23 -33.89
N TYR B 35 11.97 -1.00 -33.42
CA TYR B 35 13.29 -1.59 -33.19
C TYR B 35 14.02 -1.75 -34.51
N ASN B 36 13.36 -2.41 -35.46
CA ASN B 36 13.94 -2.67 -36.78
C ASN B 36 14.36 -1.39 -37.49
N GLU B 37 13.62 -0.31 -37.26
CA GLU B 37 13.97 0.98 -37.85
C GLU B 37 15.26 1.51 -37.25
N ALA B 38 15.35 1.51 -35.93
CA ALA B 38 16.51 2.04 -35.21
C ALA B 38 17.77 1.23 -35.50
N VAL B 39 17.64 -0.08 -35.49
CA VAL B 39 18.80 -0.95 -35.69
C VAL B 39 19.32 -0.87 -37.12
N ASN B 40 18.42 -0.58 -38.06
CA ASN B 40 18.80 -0.45 -39.47
C ASN B 40 19.46 0.87 -39.80
N ASN B 41 18.88 1.97 -39.34
CA ASN B 41 19.56 3.25 -39.46
C ASN B 41 20.03 3.68 -38.08
N GLN B 42 21.33 3.53 -37.85
CA GLN B 42 21.91 3.86 -36.55
C GLN B 42 22.60 5.22 -36.57
N ASP B 43 22.59 5.85 -37.73
CA ASP B 43 23.17 7.18 -37.87
C ASP B 43 22.22 8.23 -37.29
N ARG B 44 20.93 7.91 -37.31
CA ARG B 44 19.90 8.81 -36.78
C ARG B 44 19.80 8.73 -35.26
N VAL B 45 19.87 7.51 -34.72
CA VAL B 45 19.65 7.28 -33.29
C VAL B 45 20.75 7.94 -32.44
N PRO B 46 20.42 8.30 -31.20
CA PRO B 46 21.42 8.91 -30.31
C PRO B 46 22.60 7.98 -30.03
N VAL B 47 23.79 8.55 -29.95
CA VAL B 47 25.04 7.80 -29.82
C VAL B 47 25.07 6.86 -28.63
N GLN B 48 24.42 7.27 -27.54
CA GLN B 48 24.47 6.53 -26.29
C GLN B 48 23.78 5.16 -26.34
N ILE B 49 22.83 5.00 -27.27
CA ILE B 49 22.05 3.76 -27.33
C ILE B 49 22.63 2.71 -28.27
N LEU B 50 23.71 3.07 -28.96
CA LEU B 50 24.33 2.17 -29.94
C LEU B 50 24.81 0.81 -29.38
N PRO B 51 25.54 0.81 -28.24
CA PRO B 51 25.95 -0.49 -27.72
C PRO B 51 24.76 -1.33 -27.24
N SER B 52 23.69 -0.64 -26.84
CA SER B 52 22.48 -1.32 -26.38
C SER B 52 21.78 -2.03 -27.53
N LEU B 53 21.78 -1.40 -28.70
CA LEU B 53 21.14 -1.96 -29.89
C LEU B 53 21.82 -3.24 -30.38
N SER B 54 23.09 -3.41 -30.02
CA SER B 54 23.85 -4.57 -30.44
C SER B 54 23.66 -5.77 -29.50
N ARG B 55 22.83 -5.61 -28.47
CA ARG B 55 22.63 -6.68 -27.50
C ARG B 55 21.19 -7.22 -27.50
N TYR B 56 21.04 -8.45 -27.00
CA TYR B 56 19.78 -9.19 -27.13
C TYR B 56 18.55 -8.54 -26.46
N GLN B 57 18.76 -7.82 -25.37
CA GLN B 57 17.65 -7.33 -24.56
C GLN B 57 16.62 -6.48 -25.31
N LEU B 58 17.07 -5.44 -25.99
CA LEU B 58 16.18 -4.52 -26.69
C LEU B 58 15.30 -5.24 -27.71
N LYS B 59 15.89 -6.21 -28.40
CA LYS B 59 15.13 -6.99 -29.38
C LYS B 59 14.10 -7.84 -28.66
N LEU B 60 14.52 -8.47 -27.58
CA LEU B 60 13.63 -9.32 -26.79
C LEU B 60 12.49 -8.50 -26.18
N ALA B 61 12.77 -7.27 -25.78
CA ALA B 61 11.75 -6.39 -25.24
C ALA B 61 10.76 -5.98 -26.33
N ALA B 62 11.30 -5.71 -27.52
CA ALA B 62 10.47 -5.27 -28.64
C ALA B 62 9.52 -6.36 -29.11
N GLU B 63 9.96 -7.61 -29.01
CA GLU B 63 9.17 -8.75 -29.47
C GLU B 63 8.09 -9.11 -28.46
N LEU B 64 8.38 -8.90 -27.18
CA LEU B 64 7.40 -9.15 -26.14
C LEU B 64 6.32 -8.07 -26.17
N LYS B 65 6.72 -6.85 -26.53
CA LYS B 65 5.77 -5.77 -26.74
C LYS B 65 4.94 -6.05 -27.99
N THR B 66 5.55 -6.72 -28.94
CA THR B 66 4.88 -7.08 -30.20
C THR B 66 3.78 -8.10 -29.94
N LEU B 67 4.10 -9.15 -29.18
CA LEU B 67 3.11 -10.14 -28.79
C LEU B 67 1.98 -9.51 -27.97
N HIS B 68 2.31 -8.43 -27.28
CA HIS B 68 1.34 -7.71 -26.45
C HIS B 68 0.40 -6.84 -27.27
N ASP B 69 0.94 -6.21 -28.32
CA ASP B 69 0.11 -5.43 -29.22
C ASP B 69 -0.86 -6.38 -29.92
N LEU B 70 -0.39 -7.60 -30.18
CA LEU B 70 -1.24 -8.66 -30.68
C LEU B 70 -1.86 -9.37 -29.48
N LYS B 71 -2.52 -10.49 -29.76
CA LYS B 71 -2.91 -11.42 -28.71
C LYS B 71 -1.78 -12.44 -28.56
N LYS B 72 -2.05 -13.53 -27.84
CA LYS B 72 -1.04 -14.55 -27.57
C LYS B 72 0.07 -13.99 -26.67
N ASP B 73 -0.34 -13.19 -25.70
CA ASP B 73 0.51 -12.93 -24.55
C ASP B 73 0.59 -14.26 -23.82
N ALA B 74 -0.52 -15.00 -23.88
CA ALA B 74 -0.64 -16.32 -23.29
C ALA B 74 -0.36 -16.31 -21.80
N ILE B 75 0.66 -17.07 -21.40
CA ILE B 75 1.05 -17.18 -20.01
C ILE B 75 1.28 -15.82 -19.38
N LEU B 76 1.92 -14.93 -20.14
CA LEU B 76 2.29 -13.60 -19.66
C LEU B 76 1.10 -12.78 -19.17
N THR B 77 0.00 -12.82 -19.90
CA THR B 77 -1.20 -12.11 -19.49
C THR B 77 -1.73 -12.67 -18.18
N GLU B 78 -1.75 -13.99 -18.07
CA GLU B 78 -2.21 -14.65 -16.85
C GLU B 78 -1.38 -14.26 -15.64
N ILE B 79 -0.07 -14.19 -15.84
CA ILE B 79 0.86 -13.94 -14.74
C ILE B 79 0.72 -12.53 -14.16
N THR B 80 0.55 -11.54 -15.02
CA THR B 80 0.41 -10.17 -14.55
C THR B 80 -0.90 -9.95 -13.81
N ASP B 81 -1.95 -10.62 -14.26
CA ASP B 81 -3.27 -10.49 -13.64
C ASP B 81 -3.47 -11.52 -12.54
N TYR B 82 -2.43 -12.31 -12.28
CA TYR B 82 -2.50 -13.40 -11.30
C TYR B 82 -2.79 -12.89 -9.91
N GLU B 83 -2.16 -11.77 -9.54
CA GLU B 83 -2.30 -11.18 -8.22
C GLU B 83 -3.76 -10.91 -7.87
N ASN B 84 -4.51 -10.42 -8.86
CA ASN B 84 -5.93 -10.14 -8.67
C ASN B 84 -6.74 -11.40 -8.44
N GLU B 85 -6.64 -12.34 -9.37
CA GLU B 85 -7.47 -13.54 -9.34
C GLU B 85 -7.19 -14.49 -8.18
N PHE B 86 -6.14 -14.20 -7.42
CA PHE B 86 -5.79 -15.06 -6.28
C PHE B 86 -6.74 -14.84 -5.10
N ASP B 87 -7.38 -15.92 -4.68
CA ASP B 87 -8.25 -15.91 -3.51
C ASP B 87 -7.65 -16.84 -2.47
N THR B 88 -7.71 -16.45 -1.20
CA THR B 88 -7.09 -17.19 -0.10
C THR B 88 -7.49 -18.67 -0.09
N GLU B 89 -8.75 -18.95 -0.42
CA GLU B 89 -9.12 -20.33 -0.66
C GLU B 89 -9.52 -20.56 -2.13
N GLN B 90 -8.60 -21.15 -2.87
CA GLN B 90 -8.88 -21.74 -4.19
C GLN B 90 -7.97 -22.94 -4.31
N LYS B 91 -8.52 -24.10 -4.65
CA LYS B 91 -7.69 -25.28 -4.84
C LYS B 91 -7.40 -25.52 -6.32
N GLN B 92 -7.97 -24.65 -7.17
CA GLN B 92 -7.80 -24.77 -8.60
C GLN B 92 -6.56 -24.02 -9.10
N PRO B 93 -5.89 -24.58 -10.12
CA PRO B 93 -4.63 -24.06 -10.66
C PRO B 93 -4.74 -22.69 -11.31
N ILE B 94 -5.94 -22.34 -11.81
CA ILE B 94 -6.22 -21.04 -12.43
C ILE B 94 -5.46 -20.73 -13.74
N LEU B 95 -4.50 -21.57 -14.11
CA LEU B 95 -3.75 -21.37 -15.36
C LEU B 95 -4.28 -22.20 -16.53
N GLN B 96 -3.53 -22.19 -17.63
CA GLN B 96 -3.91 -22.94 -18.84
C GLN B 96 -3.53 -24.41 -18.73
N GLU B 97 -2.91 -24.78 -17.61
CA GLU B 97 -2.48 -26.15 -17.39
C GLU B 97 -3.65 -27.12 -17.26
N ILE B 98 -3.55 -28.24 -17.96
CA ILE B 98 -4.56 -29.29 -17.86
C ILE B 98 -4.53 -29.95 -16.49
N SER B 99 -5.69 -30.01 -15.84
CA SER B 99 -5.80 -30.59 -14.51
C SER B 99 -5.64 -32.11 -14.55
N LYS B 100 -5.73 -32.68 -15.75
CA LYS B 100 -5.54 -34.11 -15.92
C LYS B 100 -4.07 -34.46 -15.69
N ALA B 101 -3.19 -33.59 -16.15
CA ALA B 101 -1.76 -33.78 -15.96
C ALA B 101 -1.38 -33.50 -14.52
N ASP B 102 -2.23 -32.76 -13.81
CA ASP B 102 -2.01 -32.50 -12.39
C ASP B 102 -2.13 -33.82 -11.64
N MET B 103 -3.01 -34.69 -12.10
CA MET B 103 -3.17 -36.01 -11.48
C MET B 103 -1.99 -36.91 -11.82
N GLU B 104 -1.56 -36.89 -13.08
CA GLU B 104 -0.44 -37.73 -13.50
C GLU B 104 0.85 -37.32 -12.81
N LYS B 105 0.90 -36.06 -12.36
CA LYS B 105 2.05 -35.57 -11.61
C LYS B 105 1.97 -36.02 -10.15
N LEU B 106 0.75 -36.24 -9.67
CA LEU B 106 0.51 -36.63 -8.29
C LEU B 106 1.16 -37.97 -7.94
N GLU B 107 0.82 -39.02 -8.68
CA GLU B 107 1.32 -40.36 -8.39
C GLU B 107 2.78 -40.51 -8.80
N LYS B 108 3.24 -39.62 -9.68
CA LYS B 108 4.63 -39.64 -10.11
C LYS B 108 5.53 -39.42 -8.89
N LEU B 109 5.10 -38.52 -8.01
CA LEU B 109 5.84 -38.25 -6.78
C LEU B 109 5.64 -39.41 -5.82
N GLU B 110 4.43 -39.51 -5.30
CA GLU B 110 3.96 -40.58 -4.40
C GLU B 110 5.04 -41.31 -3.59
N LYS C 1 -33.91 12.46 10.84
CA LYS C 1 -32.81 11.62 10.37
C LYS C 1 -31.52 11.92 11.14
N TRP C 2 -31.32 13.20 11.45
CA TRP C 2 -30.16 13.63 12.22
C TRP C 2 -30.62 14.57 13.32
N PRO C 3 -30.03 14.45 14.54
CA PRO C 3 -29.02 13.47 14.92
C PRO C 3 -29.58 12.04 14.95
N PRO C 4 -28.71 11.04 15.20
CA PRO C 4 -29.23 9.68 15.33
C PRO C 4 -30.09 9.54 16.57
N LYS C 5 -31.09 8.67 16.52
CA LYS C 5 -31.98 8.47 17.66
C LYS C 5 -31.20 8.01 18.88
N LEU C 6 -31.39 8.71 19.99
CA LEU C 6 -30.68 8.44 21.22
C LEU C 6 -31.22 7.18 21.89
N PRO C 7 -30.34 6.21 22.18
CA PRO C 7 -30.73 5.02 22.93
C PRO C 7 -31.31 5.40 24.29
N GLU C 8 -32.46 4.84 24.64
CA GLU C 8 -33.16 5.22 25.86
C GLU C 8 -32.70 4.42 27.07
N ILE C 9 -32.62 5.08 28.22
CA ILE C 9 -32.34 4.40 29.48
C ILE C 9 -33.65 4.07 30.19
N GLN C 10 -33.91 2.77 30.37
CA GLN C 10 -35.16 2.32 30.96
C GLN C 10 -35.27 2.69 32.44
N ASP C 11 -34.24 2.34 33.21
CA ASP C 11 -34.22 2.67 34.63
C ASP C 11 -34.23 4.18 34.81
N LEU C 12 -35.18 4.67 35.60
CA LEU C 12 -35.35 6.11 35.78
C LEU C 12 -34.32 6.68 36.76
N ALA C 13 -33.93 5.86 37.72
CA ALA C 13 -32.96 6.26 38.72
C ALA C 13 -31.58 6.43 38.09
N ILE C 14 -31.26 5.55 37.15
CA ILE C 14 -29.98 5.61 36.46
C ILE C 14 -29.97 6.80 35.50
N ARG C 15 -31.04 6.96 34.75
CA ARG C 15 -31.19 8.05 33.79
C ARG C 15 -31.03 9.41 34.46
N ALA C 16 -31.38 9.48 35.74
CA ALA C 16 -31.22 10.71 36.51
C ALA C 16 -29.78 10.91 36.95
N ARG C 17 -29.10 9.80 37.26
CA ARG C 17 -27.73 9.87 37.79
C ARG C 17 -26.73 10.44 36.79
N VAL C 18 -26.84 10.06 35.52
CA VAL C 18 -25.90 10.53 34.50
C VAL C 18 -25.86 12.06 34.43
N PHE C 19 -26.99 12.70 34.75
CA PHE C 19 -27.09 14.15 34.69
C PHE C 19 -26.80 14.87 36.01
N ILE C 20 -26.41 14.10 37.02
CA ILE C 20 -26.04 14.71 38.30
C ILE C 20 -24.54 14.93 38.41
N HIS C 21 -24.15 16.21 38.40
CA HIS C 21 -22.76 16.60 38.56
C HIS C 21 -22.40 16.55 40.03
N LYS C 22 -21.13 16.24 40.32
CA LYS C 22 -20.69 16.06 41.70
C LYS C 22 -20.86 17.29 42.58
N SER C 23 -20.93 18.47 41.97
CA SER C 23 -21.12 19.71 42.72
C SER C 23 -22.45 19.69 43.49
N THR C 24 -23.43 18.98 42.93
CA THR C 24 -24.74 18.82 43.55
C THR C 24 -24.69 18.02 44.85
N ILE C 25 -24.04 16.86 44.83
CA ILE C 25 -24.04 15.96 45.98
C ILE C 25 -22.84 16.08 46.92
N LYS C 26 -21.67 16.41 46.38
CA LYS C 26 -20.43 16.39 47.17
C LYS C 26 -20.39 17.42 48.30
N ASP C 27 -21.28 18.40 48.24
CA ASP C 27 -21.32 19.46 49.23
CA ASP C 27 -21.32 19.45 49.24
C ASP C 27 -22.31 19.13 50.35
N LYS C 28 -22.94 17.96 50.26
CA LYS C 28 -23.91 17.56 51.27
C LYS C 28 -23.15 16.75 52.29
N VAL C 29 -23.00 17.32 53.50
CA VAL C 29 -22.05 16.79 54.47
C VAL C 29 -22.59 15.57 55.22
N TYR C 30 -23.91 15.39 55.19
CA TYR C 30 -24.54 14.28 55.90
C TYR C 30 -24.43 12.97 55.14
N LEU C 31 -23.93 13.04 53.91
CA LEU C 31 -23.76 11.85 53.07
C LEU C 31 -22.41 11.19 53.29
N SER C 32 -22.42 9.86 53.36
CA SER C 32 -21.17 9.11 53.43
C SER C 32 -20.50 9.15 52.07
N GLY C 33 -19.18 8.95 52.05
CA GLY C 33 -18.41 8.96 50.81
C GLY C 33 -18.96 7.98 49.81
N SER C 34 -19.35 6.82 50.31
CA SER C 34 -20.01 5.80 49.51
C SER C 34 -21.31 6.31 48.90
N GLU C 35 -22.17 6.89 49.75
CA GLU C 35 -23.45 7.44 49.30
C GLU C 35 -23.27 8.54 48.27
N MET C 36 -22.18 9.30 48.39
CA MET C 36 -21.84 10.33 47.42
C MET C 36 -21.49 9.72 46.08
N ILE C 37 -20.61 8.72 46.11
CA ILE C 37 -20.13 8.06 44.91
C ILE C 37 -21.26 7.40 44.12
N ASN C 38 -22.26 6.89 44.83
CA ASN C 38 -23.43 6.29 44.17
C ASN C 38 -24.42 7.34 43.73
N ALA C 39 -24.17 8.59 44.09
CA ALA C 39 -25.08 9.69 43.79
C ALA C 39 -24.77 10.36 42.44
N HIS C 40 -23.57 10.95 42.34
CA HIS C 40 -23.17 11.66 41.13
C HIS C 40 -22.87 10.71 39.97
N ASN C 41 -22.38 11.25 38.85
CA ASN C 41 -22.14 10.45 37.65
C ASN C 41 -20.69 10.01 37.39
N GLU C 42 -19.77 10.34 38.29
CA GLU C 42 -18.34 10.11 38.05
C GLU C 42 -17.98 8.67 37.68
N ARG C 43 -18.62 7.69 38.32
CA ARG C 43 -18.38 6.29 37.98
C ARG C 43 -18.89 5.99 36.58
N LEU C 44 -20.06 6.54 36.24
CA LEU C 44 -20.66 6.32 34.94
C LEU C 44 -19.81 6.92 33.83
N GLU C 45 -19.23 8.09 34.10
CA GLU C 45 -18.33 8.73 33.15
C GLU C 45 -17.07 7.89 32.93
N PHE C 46 -16.51 7.39 34.04
CA PHE C 46 -15.34 6.53 34.00
C PHE C 46 -15.61 5.29 33.17
N LEU C 47 -16.74 4.63 33.45
CA LEU C 47 -17.11 3.44 32.70
C LEU C 47 -17.44 3.78 31.26
N GLY C 48 -18.17 4.87 31.07
CA GLY C 48 -18.58 5.30 29.75
C GLY C 48 -17.42 5.60 28.83
N ASP C 49 -16.32 6.07 29.40
CA ASP C 49 -15.12 6.35 28.63
C ASP C 49 -14.53 5.09 28.02
N SER C 50 -14.43 4.03 28.81
CA SER C 50 -13.84 2.79 28.32
C SER C 50 -14.74 2.13 27.28
N ILE C 51 -16.04 2.21 27.48
CA ILE C 51 -17.01 1.72 26.50
C ILE C 51 -16.90 2.47 25.20
N LEU C 52 -16.86 3.80 25.29
CA LEU C 52 -16.71 4.67 24.13
C LEU C 52 -15.50 4.26 23.30
N ASN C 53 -14.34 4.19 23.94
CA ASN C 53 -13.11 3.84 23.26
C ASN C 53 -13.14 2.42 22.72
N SER C 54 -13.85 1.54 23.42
CA SER C 54 -13.95 0.14 23.02
C SER C 54 -14.69 -0.03 21.70
N VAL C 55 -15.89 0.55 21.60
CA VAL C 55 -16.70 0.36 20.41
C VAL C 55 -16.25 1.25 19.26
N MET C 56 -15.64 2.39 19.57
CA MET C 56 -15.07 3.24 18.53
C MET C 56 -13.90 2.51 17.88
N THR C 57 -13.08 1.86 18.70
CA THR C 57 -11.96 1.07 18.21
C THR C 57 -12.45 -0.04 17.28
N LEU C 58 -13.46 -0.78 17.73
CA LEU C 58 -14.04 -1.85 16.92
C LEU C 58 -14.63 -1.35 15.60
N ILE C 59 -15.24 -0.18 15.64
CA ILE C 59 -15.83 0.39 14.43
C ILE C 59 -14.79 0.64 13.35
N ILE C 60 -13.74 1.38 13.69
CA ILE C 60 -12.73 1.76 12.72
C ILE C 60 -11.81 0.61 12.35
N TYR C 61 -11.65 -0.35 13.26
CA TYR C 61 -10.80 -1.51 13.03
C TYR C 61 -11.36 -2.34 11.89
N ASN C 62 -12.67 -2.51 11.89
CA ASN C 62 -13.36 -3.28 10.86
C ASN C 62 -13.54 -2.50 9.57
N LYS C 63 -13.82 -1.21 9.68
CA LYS C 63 -14.08 -0.37 8.53
C LYS C 63 -12.80 -0.14 7.72
N PHE C 64 -11.66 -0.16 8.40
CA PHE C 64 -10.38 0.07 7.75
C PHE C 64 -9.40 -1.07 8.04
N PRO C 65 -9.57 -2.21 7.35
CA PRO C 65 -8.76 -3.41 7.58
C PRO C 65 -7.30 -3.25 7.17
N ASP C 66 -7.03 -2.33 6.25
CA ASP C 66 -5.66 -2.09 5.80
C ASP C 66 -4.95 -0.93 6.51
N TYR C 67 -5.64 -0.30 7.46
CA TYR C 67 -5.03 0.79 8.23
C TYR C 67 -4.01 0.28 9.25
N SER C 68 -2.90 1.00 9.40
CA SER C 68 -1.90 0.65 10.40
C SER C 68 -2.41 1.01 11.79
N GLU C 69 -1.61 0.73 12.81
CA GLU C 69 -2.00 1.07 14.18
C GLU C 69 -1.92 2.57 14.41
N GLY C 70 -0.97 3.22 13.72
CA GLY C 70 -0.80 4.66 13.84
C GLY C 70 -1.96 5.41 13.23
N GLN C 71 -2.53 4.85 12.17
CA GLN C 71 -3.70 5.44 11.53
C GLN C 71 -4.98 5.14 12.30
N LEU C 72 -5.11 3.92 12.82
CA LEU C 72 -6.25 3.58 13.64
C LEU C 72 -6.25 4.38 14.94
N SER C 73 -5.05 4.64 15.46
CA SER C 73 -4.92 5.44 16.66
C SER C 73 -5.25 6.91 16.40
N THR C 74 -4.70 7.45 15.33
CA THR C 74 -4.92 8.85 14.98
C THR C 74 -6.39 9.12 14.68
N LEU C 75 -7.03 8.16 14.01
CA LEU C 75 -8.44 8.31 13.69
C LEU C 75 -9.29 8.27 14.94
N ARG C 76 -8.99 7.32 15.83
CA ARG C 76 -9.71 7.17 17.07
C ARG C 76 -9.63 8.44 17.92
N MET C 77 -8.47 9.09 17.87
CA MET C 77 -8.24 10.35 18.55
C MET C 77 -9.31 11.40 18.20
N ASN C 78 -9.79 11.37 16.96
CA ASN C 78 -10.83 12.29 16.51
C ASN C 78 -12.21 11.92 17.04
N LEU C 79 -12.44 10.63 17.23
CA LEU C 79 -13.73 10.12 17.68
C LEU C 79 -13.98 10.18 19.19
N VAL C 80 -12.96 9.86 19.99
CA VAL C 80 -13.16 9.73 21.43
C VAL C 80 -12.77 10.95 22.26
N SER C 81 -12.27 12.00 21.59
CA SER C 81 -11.79 13.18 22.29
C SER C 81 -12.89 13.92 23.03
N ASN C 82 -12.52 14.66 24.07
CA ASN C 82 -13.46 15.46 24.81
C ASN C 82 -14.08 16.57 23.96
N GLU C 83 -13.28 17.16 23.09
CA GLU C 83 -13.76 18.20 22.19
C GLU C 83 -14.82 17.69 21.22
N GLN C 84 -14.64 16.46 20.74
CA GLN C 84 -15.61 15.86 19.84
C GLN C 84 -16.91 15.50 20.55
N ILE C 85 -16.79 14.75 21.64
CA ILE C 85 -17.97 14.24 22.34
C ILE C 85 -18.73 15.35 23.07
N LYS C 86 -18.05 16.45 23.35
CA LYS C 86 -18.70 17.63 23.90
C LYS C 86 -19.73 18.15 22.91
N GLN C 87 -19.34 18.19 21.64
CA GLN C 87 -20.22 18.70 20.59
C GLN C 87 -21.39 17.77 20.32
N TRP C 88 -21.17 16.47 20.46
CA TRP C 88 -22.26 15.51 20.35
C TRP C 88 -23.22 15.69 21.52
N SER C 89 -22.66 16.01 22.67
CA SER C 89 -23.43 16.15 23.90
C SER C 89 -24.36 17.35 23.80
N ILE C 90 -23.82 18.45 23.29
CA ILE C 90 -24.60 19.66 23.04
C ILE C 90 -25.71 19.37 22.03
N MET C 91 -25.36 18.55 21.04
CA MET C 91 -26.30 18.17 20.00
C MET C 91 -27.54 17.49 20.58
N TYR C 92 -27.36 16.71 21.64
CA TYR C 92 -28.46 16.00 22.28
C TYR C 92 -29.05 16.79 23.43
N ASN C 93 -28.55 18.01 23.62
CA ASN C 93 -28.98 18.88 24.70
C ASN C 93 -28.77 18.27 26.09
N PHE C 94 -27.73 17.45 26.23
CA PHE C 94 -27.31 16.97 27.55
C PHE C 94 -27.00 18.17 28.44
N HIS C 95 -25.94 18.91 28.13
CA HIS C 95 -26.06 20.36 28.01
C HIS C 95 -26.86 20.96 29.16
N GLU C 96 -28.00 21.53 28.79
CA GLU C 96 -28.94 22.11 29.73
CA GLU C 96 -28.98 22.11 29.71
C GLU C 96 -29.49 21.11 30.76
N LYS C 97 -29.67 19.85 30.36
CA LYS C 97 -30.21 18.83 31.26
C LYS C 97 -29.36 18.57 32.51
N LEU C 98 -28.08 18.94 32.44
CA LEU C 98 -27.15 18.66 33.52
C LEU C 98 -27.48 19.44 34.80
N LYS C 99 -27.37 18.78 35.94
CA LYS C 99 -27.65 19.40 37.23
C LYS C 99 -26.36 19.75 37.98
N THR C 100 -26.09 21.04 38.11
CA THR C 100 -24.93 21.48 38.87
C THR C 100 -25.35 22.34 40.05
N ASN C 101 -24.36 22.74 40.85
CA ASN C 101 -24.59 23.61 42.01
C ASN C 101 -24.31 25.07 41.67
N PHE C 102 -23.90 25.31 40.43
CA PHE C 102 -23.51 26.65 40.00
C PHE C 102 -24.21 27.04 38.70
N ASP C 103 -23.87 28.22 38.21
CA ASP C 103 -24.51 28.76 37.01
C ASP C 103 -23.81 28.31 35.74
N LEU C 104 -24.54 27.59 34.89
CA LEU C 104 -24.02 27.16 33.59
C LEU C 104 -24.11 28.31 32.59
N LYS C 105 -25.07 29.19 32.86
CA LYS C 105 -25.28 30.45 32.14
C LYS C 105 -24.34 31.51 32.70
N ASP C 106 -24.60 32.79 32.41
CA ASP C 106 -23.73 33.86 32.88
C ASP C 106 -22.31 33.82 32.31
N GLU C 107 -22.20 34.21 31.04
CA GLU C 107 -20.96 34.20 30.28
C GLU C 107 -19.77 34.86 30.99
N ASN C 108 -20.03 35.82 31.87
CA ASN C 108 -18.93 36.44 32.63
C ASN C 108 -18.29 35.49 33.65
N SER C 109 -18.91 34.33 33.86
CA SER C 109 -18.35 33.31 34.74
C SER C 109 -17.15 32.65 34.08
N ASN C 110 -16.22 32.18 34.92
CA ASN C 110 -15.01 31.52 34.44
C ASN C 110 -15.31 30.23 33.69
N PHE C 111 -16.43 29.61 34.03
CA PHE C 111 -16.85 28.35 33.44
C PHE C 111 -16.98 28.42 31.92
N GLN C 112 -17.65 29.46 31.43
CA GLN C 112 -17.91 29.61 30.01
C GLN C 112 -16.62 29.85 29.21
N ASN C 113 -15.62 30.39 29.89
CA ASN C 113 -14.33 30.70 29.26
C ASN C 113 -13.34 29.54 29.35
N GLY C 114 -13.78 28.42 29.90
CA GLY C 114 -12.95 27.22 30.00
C GLY C 114 -13.17 26.27 28.85
N LYS C 115 -12.81 25.00 29.05
CA LYS C 115 -12.92 23.98 28.01
C LYS C 115 -14.24 23.21 28.08
N LEU C 116 -15.07 23.55 29.07
CA LEU C 116 -16.38 22.91 29.25
C LEU C 116 -16.32 21.39 29.23
N LYS C 117 -15.25 20.84 29.78
CA LYS C 117 -15.03 19.38 29.80
C LYS C 117 -16.20 18.68 30.48
N LEU C 118 -16.87 19.44 31.33
CA LEU C 118 -18.10 19.00 31.99
C LEU C 118 -19.15 18.51 30.99
N TYR C 119 -19.20 19.13 29.82
CA TYR C 119 -20.16 18.74 28.79
C TYR C 119 -19.72 17.47 28.06
N ALA C 120 -18.43 17.20 28.06
CA ALA C 120 -17.93 15.95 27.51
C ALA C 120 -18.26 14.80 28.45
N ASP C 121 -18.01 15.01 29.73
CA ASP C 121 -18.22 13.99 30.76
C ASP C 121 -19.63 13.42 30.76
N VAL C 122 -20.63 14.28 30.57
CA VAL C 122 -22.02 13.85 30.61
C VAL C 122 -22.37 12.94 29.44
N PHE C 123 -21.65 13.08 28.33
CA PHE C 123 -21.83 12.17 27.19
C PHE C 123 -21.35 10.77 27.54
N GLU C 124 -20.13 10.68 28.08
CA GLU C 124 -19.60 9.41 28.53
C GLU C 124 -20.50 8.81 29.61
N ALA C 125 -20.92 9.67 30.53
CA ALA C 125 -21.80 9.24 31.63
C ALA C 125 -23.10 8.64 31.10
N TYR C 126 -23.61 9.19 30.00
CA TYR C 126 -24.84 8.67 29.40
C TYR C 126 -24.60 7.27 28.84
N ILE C 127 -23.47 7.09 28.18
CA ILE C 127 -23.09 5.78 27.66
C ILE C 127 -22.98 4.78 28.81
N GLY C 128 -22.30 5.19 29.87
CA GLY C 128 -22.14 4.35 31.04
C GLY C 128 -23.48 4.01 31.67
N GLY C 129 -24.42 4.95 31.58
CA GLY C 129 -25.77 4.73 32.09
C GLY C 129 -26.46 3.59 31.39
N LEU C 130 -26.30 3.53 30.07
CA LEU C 130 -26.89 2.46 29.26
C LEU C 130 -26.32 1.10 29.65
N MET C 131 -25.06 1.08 30.07
CA MET C 131 -24.38 -0.17 30.39
C MET C 131 -24.79 -0.74 31.75
N GLU C 132 -25.12 0.13 32.68
CA GLU C 132 -25.59 -0.32 33.98
C GLU C 132 -27.06 -0.76 33.91
N ASP C 133 -27.87 0.01 33.19
CA ASP C 133 -29.28 -0.29 33.01
C ASP C 133 -29.50 -1.68 32.43
N ASP C 134 -29.11 -1.85 31.16
CA ASP C 134 -29.23 -3.14 30.50
C ASP C 134 -27.98 -3.45 29.69
N PRO C 135 -26.96 -4.02 30.34
CA PRO C 135 -25.65 -4.28 29.73
C PRO C 135 -25.75 -5.10 28.43
N ARG C 136 -26.57 -6.15 28.43
CA ARG C 136 -26.68 -7.03 27.28
C ARG C 136 -27.11 -6.33 25.99
N ASN C 137 -28.36 -5.89 25.95
CA ASN C 137 -28.96 -5.41 24.71
C ASN C 137 -28.79 -3.92 24.39
N ASN C 138 -28.30 -3.15 25.37
CA ASN C 138 -28.02 -1.74 25.11
C ASN C 138 -26.62 -1.55 24.54
N LEU C 139 -25.81 -2.60 24.61
CA LEU C 139 -24.49 -2.57 24.01
C LEU C 139 -24.51 -2.52 22.48
N PRO C 140 -25.31 -3.39 21.82
CA PRO C 140 -25.35 -3.28 20.36
C PRO C 140 -26.01 -1.98 19.92
N LYS C 141 -26.92 -1.46 20.72
CA LYS C 141 -27.58 -0.20 20.41
C LYS C 141 -26.59 0.96 20.52
N ILE C 142 -25.54 0.76 21.31
CA ILE C 142 -24.48 1.75 21.43
C ILE C 142 -23.58 1.75 20.19
N ARG C 143 -23.28 0.56 19.68
CA ARG C 143 -22.50 0.44 18.45
C ARG C 143 -23.23 1.11 17.29
N LYS C 144 -24.46 0.66 17.06
CA LYS C 144 -25.28 1.16 15.95
C LYS C 144 -25.49 2.67 16.04
N TRP C 145 -25.54 3.18 17.26
CA TRP C 145 -25.73 4.62 17.48
C TRP C 145 -24.43 5.39 17.27
N LEU C 146 -23.33 4.84 17.77
CA LEU C 146 -22.04 5.51 17.63
C LEU C 146 -21.46 5.38 16.23
N ARG C 147 -21.87 4.34 15.51
CA ARG C 147 -21.51 4.21 14.10
C ARG C 147 -22.04 5.41 13.33
N LYS C 148 -23.31 5.73 13.56
CA LYS C 148 -23.97 6.82 12.84
C LYS C 148 -23.32 8.16 13.17
N LEU C 149 -22.98 8.36 14.44
CA LEU C 149 -22.33 9.60 14.87
C LEU C 149 -20.93 9.74 14.29
N ALA C 150 -20.23 8.61 14.17
CA ALA C 150 -18.84 8.62 13.74
C ALA C 150 -18.68 8.89 12.23
N LYS C 151 -19.65 8.44 11.45
CA LYS C 151 -19.56 8.50 9.98
C LYS C 151 -19.14 9.86 9.40
N PRO C 152 -19.80 10.96 9.79
CA PRO C 152 -19.32 12.25 9.27
C PRO C 152 -17.94 12.64 9.78
N VAL C 153 -17.62 12.27 11.02
CA VAL C 153 -16.31 12.60 11.59
C VAL C 153 -15.20 11.80 10.89
N ILE C 154 -15.48 10.54 10.60
CA ILE C 154 -14.53 9.69 9.90
C ILE C 154 -14.27 10.20 8.49
N GLU C 155 -15.34 10.63 7.81
CA GLU C 155 -15.25 11.12 6.45
C GLU C 155 -14.33 12.34 6.33
N GLU C 156 -14.51 13.30 7.23
CA GLU C 156 -13.73 14.54 7.20
C GLU C 156 -12.27 14.26 7.58
N ALA C 157 -12.08 13.36 8.53
CA ALA C 157 -10.76 13.07 9.05
C ALA C 157 -9.87 12.36 8.03
N THR C 158 -10.40 11.30 7.41
CA THR C 158 -9.63 10.53 6.43
C THR C 158 -9.29 11.35 5.20
N ARG C 159 -10.09 12.39 4.95
CA ARG C 159 -9.83 13.33 3.86
C ARG C 159 -8.77 14.38 4.20
N ASN C 160 -9.04 15.19 5.23
CA ASN C 160 -8.24 16.38 5.48
C ASN C 160 -7.07 16.27 6.46
N GLN C 161 -6.80 15.07 6.97
CA GLN C 161 -5.69 14.90 7.90
C GLN C 161 -4.51 14.17 7.28
N VAL C 162 -3.33 14.76 7.40
CA VAL C 162 -2.12 14.23 6.77
C VAL C 162 -1.74 12.87 7.32
N ALA C 163 -1.91 12.69 8.62
CA ALA C 163 -1.58 11.43 9.27
C ALA C 163 -2.37 10.27 8.67
N LEU C 164 -3.57 10.57 8.19
CA LEU C 164 -4.46 9.55 7.62
C LEU C 164 -4.37 9.45 6.11
N GLU C 165 -3.50 10.26 5.49
CA GLU C 165 -3.30 10.23 4.05
C GLU C 165 -2.79 8.84 3.64
N LYS C 166 -3.44 8.23 2.65
CA LYS C 166 -3.07 6.89 2.22
C LYS C 166 -1.66 6.83 1.66
N THR C 167 -0.84 5.94 2.23
CA THR C 167 0.54 5.80 1.81
C THR C 167 0.76 4.68 0.79
N ASP C 168 -0.30 4.00 0.40
CA ASP C 168 -0.19 3.05 -0.71
C ASP C 168 -0.10 3.84 -2.01
N LYS C 169 0.07 3.13 -3.12
CA LYS C 169 0.30 3.74 -4.44
C LYS C 169 1.65 4.48 -4.48
N LEU C 170 2.27 4.61 -3.32
CA LEU C 170 3.60 5.19 -3.16
C LEU C 170 4.64 4.14 -3.53
N ASP C 171 5.78 4.59 -4.04
CA ASP C 171 6.85 3.68 -4.43
C ASP C 171 8.00 3.77 -3.43
N MET C 172 8.19 2.72 -2.65
CA MET C 172 9.19 2.73 -1.59
C MET C 172 10.61 2.64 -2.14
N ASN C 173 10.74 2.14 -3.36
CA ASN C 173 12.05 2.01 -3.99
C ASN C 173 12.38 3.21 -4.88
N ALA C 174 11.48 4.19 -4.90
CA ALA C 174 11.62 5.35 -5.78
C ALA C 174 12.95 6.08 -5.64
N LYS C 175 13.46 6.20 -4.41
CA LYS C 175 14.73 6.87 -4.18
C LYS C 175 15.89 6.10 -4.81
N ARG C 176 15.86 4.77 -4.69
CA ARG C 176 16.90 3.92 -5.25
C ARG C 176 16.74 3.86 -6.76
N GLN C 177 15.48 3.78 -7.20
CA GLN C 177 15.15 3.78 -8.62
C GLN C 177 15.74 5.01 -9.31
N LEU C 178 15.66 6.15 -8.64
CA LEU C 178 16.19 7.38 -9.17
C LEU C 178 17.72 7.34 -9.27
N TYR C 179 18.37 6.94 -8.17
CA TYR C 179 19.83 6.83 -8.17
C TYR C 179 20.34 5.87 -9.24
N SER C 180 19.58 4.79 -9.46
CA SER C 180 19.93 3.80 -10.49
C SER C 180 20.02 4.44 -11.88
N LEU C 181 19.03 5.26 -12.21
CA LEU C 181 18.94 5.86 -13.53
C LEU C 181 19.96 6.95 -13.78
N ILE C 182 20.23 7.76 -12.76
CA ILE C 182 21.02 8.97 -12.93
C ILE C 182 22.28 9.02 -12.05
N GLY C 183 22.08 8.94 -10.75
CA GLY C 183 23.13 9.09 -9.77
C GLY C 183 24.41 8.30 -9.95
N TYR C 184 25.51 8.96 -9.64
CA TYR C 184 26.82 8.37 -9.52
C TYR C 184 27.48 9.06 -8.32
N ALA C 185 28.58 8.51 -7.82
CA ALA C 185 29.17 8.99 -6.58
C ALA C 185 29.53 10.49 -6.58
N SER C 186 30.10 10.98 -7.68
CA SER C 186 30.57 12.36 -7.73
C SER C 186 29.45 13.36 -8.05
N LEU C 187 28.27 12.84 -8.37
CA LEU C 187 27.11 13.67 -8.63
C LEU C 187 26.64 14.36 -7.34
N ARG C 188 26.98 13.76 -6.21
CA ARG C 188 26.53 14.23 -4.89
CA ARG C 188 26.53 14.23 -4.90
C ARG C 188 25.01 14.37 -4.88
N LEU C 189 24.32 13.31 -5.30
CA LEU C 189 22.87 13.31 -5.32
C LEU C 189 22.36 13.06 -3.91
N HIS C 190 21.53 13.96 -3.40
CA HIS C 190 21.12 13.89 -2.01
C HIS C 190 19.73 14.49 -1.78
N TYR C 191 19.27 14.42 -0.53
CA TYR C 191 17.97 14.95 -0.16
C TYR C 191 18.12 15.89 1.01
N VAL C 192 17.53 17.07 0.90
CA VAL C 192 17.50 17.98 2.05
C VAL C 192 16.08 18.20 2.52
N THR C 193 15.91 18.29 3.84
CA THR C 193 14.60 18.55 4.40
C THR C 193 14.47 20.04 4.61
N VAL C 194 13.61 20.67 3.83
CA VAL C 194 13.35 22.10 4.00
C VAL C 194 12.35 22.39 5.13
N LYS C 195 11.39 21.48 5.32
CA LYS C 195 10.40 21.63 6.40
CA LYS C 195 10.42 21.63 6.40
C LYS C 195 10.17 20.33 7.15
N LYS C 196 10.39 20.35 8.46
CA LYS C 196 10.12 19.22 9.34
C LYS C 196 8.72 19.34 9.95
N PRO C 197 8.00 18.22 10.08
CA PRO C 197 6.63 18.22 10.61
C PRO C 197 6.54 18.80 12.02
N THR C 198 5.54 19.64 12.27
CA THR C 198 5.28 20.16 13.60
C THR C 198 3.81 19.98 13.96
N ALA C 199 3.44 20.42 15.16
CA ALA C 199 2.05 20.38 15.58
C ALA C 199 1.22 21.36 14.76
N VAL C 200 1.77 22.55 14.57
CA VAL C 200 1.12 23.60 13.77
C VAL C 200 1.03 23.22 12.30
N ASP C 201 2.11 22.66 11.76
CA ASP C 201 2.15 22.23 10.37
C ASP C 201 2.68 20.81 10.25
N PRO C 202 1.78 19.82 10.33
CA PRO C 202 2.19 18.41 10.25
C PRO C 202 2.51 17.99 8.83
N ASN C 203 3.36 18.78 8.17
CA ASN C 203 3.79 18.46 6.82
C ASN C 203 5.30 18.43 6.77
N SER C 204 5.84 17.59 5.91
CA SER C 204 7.27 17.59 5.69
C SER C 204 7.53 17.91 4.23
N ILE C 205 8.50 18.79 3.98
CA ILE C 205 8.89 19.04 2.60
C ILE C 205 10.38 18.73 2.41
N VAL C 206 10.66 17.88 1.43
CA VAL C 206 12.03 17.47 1.12
C VAL C 206 12.32 17.73 -0.36
N GLU C 207 13.49 18.30 -0.63
CA GLU C 207 13.94 18.51 -2.00
C GLU C 207 15.02 17.51 -2.40
N CYS C 208 14.91 16.99 -3.60
CA CYS C 208 15.95 16.14 -4.18
C CYS C 208 16.88 17.03 -4.99
N ARG C 209 18.13 17.12 -4.54
CA ARG C 209 19.10 17.99 -5.18
C ARG C 209 20.32 17.22 -5.64
N VAL C 210 21.03 17.77 -6.62
CA VAL C 210 22.33 17.25 -7.01
C VAL C 210 23.42 18.12 -6.39
N GLY C 211 24.67 17.79 -6.69
CA GLY C 211 25.80 18.49 -6.11
C GLY C 211 25.84 19.99 -6.28
N ASP C 212 25.52 20.48 -7.47
CA ASP C 212 25.59 21.92 -7.73
C ASP C 212 24.42 22.71 -7.15
N GLY C 213 23.43 22.00 -6.62
CA GLY C 213 22.29 22.65 -6.00
C GLY C 213 21.00 22.57 -6.79
N THR C 214 21.08 22.06 -8.02
CA THR C 214 19.90 21.92 -8.87
C THR C 214 18.85 21.02 -8.22
N VAL C 215 17.61 21.48 -8.15
CA VAL C 215 16.54 20.72 -7.51
C VAL C 215 15.81 19.86 -8.55
N LEU C 216 15.97 18.55 -8.43
CA LEU C 216 15.34 17.61 -9.36
C LEU C 216 13.89 17.33 -9.01
N GLY C 217 13.51 17.55 -7.75
CA GLY C 217 12.16 17.25 -7.30
C GLY C 217 11.85 17.75 -5.90
N THR C 218 10.56 17.85 -5.60
CA THR C 218 10.08 18.27 -4.30
C THR C 218 8.96 17.33 -3.88
N GLY C 219 8.82 17.11 -2.57
CA GLY C 219 7.75 16.24 -2.08
C GLY C 219 7.25 16.66 -0.72
N VAL C 220 6.03 16.21 -0.42
CA VAL C 220 5.33 16.59 0.79
C VAL C 220 4.69 15.36 1.41
N GLY C 221 4.78 15.21 2.72
CA GLY C 221 4.16 14.08 3.39
C GLY C 221 4.16 14.20 4.90
N ARG C 222 3.66 13.14 5.55
CA ARG C 222 3.50 13.11 7.00
C ARG C 222 4.84 13.12 7.74
N ASN C 223 5.93 12.97 6.99
CA ASN C 223 7.28 12.85 7.56
C ASN C 223 8.35 12.84 6.49
N ILE C 224 9.59 13.06 6.92
CA ILE C 224 10.74 13.21 6.02
C ILE C 224 10.91 12.03 5.07
N LYS C 225 10.65 10.82 5.56
CA LYS C 225 10.81 9.62 4.74
C LYS C 225 9.79 9.57 3.60
N ILE C 226 8.54 9.94 3.91
CA ILE C 226 7.47 9.96 2.90
C ILE C 226 7.65 11.10 1.91
N ALA C 227 8.05 12.27 2.42
CA ALA C 227 8.29 13.44 1.58
C ALA C 227 9.44 13.18 0.61
N GLY C 228 10.50 12.56 1.12
CA GLY C 228 11.67 12.26 0.33
C GLY C 228 11.35 11.32 -0.82
N ILE C 229 10.45 10.37 -0.55
CA ILE C 229 10.01 9.43 -1.57
C ILE C 229 9.25 10.17 -2.66
N ARG C 230 8.34 11.05 -2.25
CA ARG C 230 7.56 11.81 -3.21
C ARG C 230 8.42 12.74 -4.04
N ALA C 231 9.49 13.23 -3.44
CA ALA C 231 10.45 14.04 -4.17
C ALA C 231 11.14 13.21 -5.24
N ALA C 232 11.45 11.95 -4.92
CA ALA C 232 12.05 11.04 -5.89
C ALA C 232 11.03 10.77 -6.98
N GLU C 233 9.79 10.48 -6.59
CA GLU C 233 8.73 10.25 -7.57
C GLU C 233 8.47 11.48 -8.44
N ASN C 234 8.65 12.66 -7.87
CA ASN C 234 8.51 13.92 -8.60
C ASN C 234 9.58 14.05 -9.69
N ALA C 235 10.82 13.73 -9.33
CA ALA C 235 11.92 13.75 -10.29
C ALA C 235 11.80 12.65 -11.35
N LEU C 236 11.25 11.51 -10.95
CA LEU C 236 11.14 10.36 -11.84
C LEU C 236 10.07 10.57 -12.92
N ARG C 237 9.16 11.51 -12.70
CA ARG C 237 8.10 11.76 -13.66
C ARG C 237 8.55 12.65 -14.81
N ASP C 238 9.70 13.31 -14.63
CA ASP C 238 10.20 14.20 -15.66
C ASP C 238 11.28 13.48 -16.45
N LYS C 239 10.93 13.08 -17.67
CA LYS C 239 11.77 12.21 -18.47
C LYS C 239 12.91 12.98 -19.12
N LYS C 240 12.63 14.21 -19.52
CA LYS C 240 13.62 15.05 -20.15
C LYS C 240 14.76 15.35 -19.19
N MET C 241 14.40 15.55 -17.91
CA MET C 241 15.42 15.78 -16.89
CA MET C 241 15.39 15.78 -16.86
C MET C 241 16.24 14.52 -16.67
N LEU C 242 15.57 13.38 -16.51
CA LEU C 242 16.24 12.11 -16.30
C LEU C 242 17.16 11.76 -17.45
N ASP C 243 16.61 11.83 -18.67
CA ASP C 243 17.38 11.49 -19.86
C ASP C 243 18.58 12.41 -20.01
N PHE C 244 18.47 13.64 -19.53
CA PHE C 244 19.60 14.56 -19.54
C PHE C 244 20.70 14.06 -18.60
N TYR C 245 20.33 13.76 -17.36
CA TYR C 245 21.29 13.32 -16.36
C TYR C 245 21.81 11.89 -16.60
N ALA C 246 20.95 11.04 -17.13
CA ALA C 246 21.36 9.69 -17.53
C ALA C 246 22.44 9.77 -18.60
N LYS C 247 22.22 10.61 -19.61
CA LYS C 247 23.22 10.86 -20.64
C LYS C 247 24.48 11.50 -20.04
N GLN C 248 24.26 12.40 -19.08
CA GLN C 248 25.36 13.10 -18.43
C GLN C 248 26.31 12.13 -17.74
N ARG C 249 25.74 11.13 -17.07
CA ARG C 249 26.53 10.14 -16.38
C ARG C 249 27.38 9.34 -17.36
N ALA C 250 26.80 8.95 -18.49
CA ALA C 250 27.52 8.22 -19.53
C ALA C 250 28.73 9.00 -20.07
N ALA C 251 28.65 10.33 -20.03
CA ALA C 251 29.74 11.16 -20.53
C ALA C 251 30.87 11.31 -19.52
N ILE C 252 30.63 10.87 -18.28
CA ILE C 252 31.66 10.90 -17.25
C ILE C 252 32.46 9.60 -17.26
N PRO C 253 33.80 9.70 -17.26
CA PRO C 253 34.67 8.52 -17.14
C PRO C 253 34.38 7.75 -15.85
N ARG C 254 34.30 6.42 -15.94
CA ARG C 254 34.10 5.59 -14.75
C ARG C 254 35.20 5.86 -13.73
N SER C 255 36.37 6.26 -14.24
CA SER C 255 37.46 6.70 -13.39
C SER C 255 37.03 7.81 -12.44
N GLU C 256 36.41 8.85 -12.97
CA GLU C 256 36.01 10.02 -12.19
C GLU C 256 34.72 9.85 -11.39
N SER C 257 33.72 9.20 -11.98
CA SER C 257 32.38 9.14 -11.41
C SER C 257 32.27 8.35 -10.11
N VAL C 258 33.17 7.39 -9.90
CA VAL C 258 33.11 6.54 -8.71
C VAL C 258 33.63 7.21 -7.44
N LEU C 259 34.35 8.33 -7.57
CA LEU C 259 34.81 9.05 -6.38
C LEU C 259 33.73 10.00 -5.90
N LYS C 260 33.97 10.64 -4.76
CA LYS C 260 33.09 11.69 -4.26
C LYS C 260 33.60 13.06 -4.64
N ASP C 261 34.76 13.09 -5.29
CA ASP C 261 35.40 14.35 -5.68
C ASP C 261 36.24 14.18 -6.94
#